data_6MSR
#
_entry.id   6MSR
#
_cell.length_a   57.618
_cell.length_b   33.281
_cell.length_c   114.455
_cell.angle_alpha   90.00
_cell.angle_beta   99.56
_cell.angle_gamma   90.00
#
_symmetry.space_group_name_H-M   'C 1 2 1'
#
loop_
_entity.id
_entity.type
_entity.pdbx_description
1 polymer pRO-2.5
2 water water
#
_entity_poly.entity_id   1
_entity_poly.type   'polypeptide(L)'
_entity_poly.pdbx_seq_one_letter_code
;GSEYEIRKALEELKASTAELKRATASLRASTEELKKNPSEDALVENNRLIVEHNAIIVENNRIIAAVLELIVRAIK
;
_entity_poly.pdbx_strand_id   A,B,C
#
# COMPACT_ATOMS: atom_id res chain seq x y z
N GLY A 1 -22.37 -0.17 8.65
CA GLY A 1 -23.82 0.09 8.74
C GLY A 1 -24.19 1.55 8.73
N SER A 2 -24.10 2.21 9.89
CA SER A 2 -24.68 3.53 10.04
C SER A 2 -23.96 4.55 9.17
N GLU A 3 -24.73 5.51 8.66
CA GLU A 3 -24.16 6.66 7.96
C GLU A 3 -23.13 7.38 8.80
N TYR A 4 -23.33 7.43 10.13
CA TYR A 4 -22.39 8.13 10.99
C TYR A 4 -21.05 7.40 11.04
N GLU A 5 -21.08 6.08 11.26
N GLU A 5 -21.08 6.08 11.26
CA GLU A 5 -19.83 5.34 11.37
CA GLU A 5 -19.83 5.33 11.37
C GLU A 5 -19.03 5.38 10.07
C GLU A 5 -19.04 5.39 10.07
N ILE A 6 -19.72 5.35 8.92
CA ILE A 6 -19.03 5.42 7.64
C ILE A 6 -18.43 6.81 7.45
N ARG A 7 -19.21 7.85 7.72
CA ARG A 7 -18.70 9.21 7.63
C ARG A 7 -17.44 9.37 8.48
N LYS A 8 -17.47 8.86 9.72
CA LYS A 8 -16.32 9.00 10.61
C LYS A 8 -15.12 8.22 10.08
N ALA A 9 -15.36 7.02 9.52
CA ALA A 9 -14.25 6.22 9.02
C ALA A 9 -13.62 6.87 7.79
N LEU A 10 -14.43 7.50 6.96
CA LEU A 10 -13.89 8.20 5.79
C LEU A 10 -13.10 9.42 6.18
N GLU A 11 -13.50 10.12 7.26
CA GLU A 11 -12.69 11.21 7.78
C GLU A 11 -11.37 10.70 8.33
N GLU A 12 -11.40 9.55 9.02
CA GLU A 12 -10.14 8.91 9.43
C GLU A 12 -9.25 8.66 8.24
N LEU A 13 -9.81 8.07 7.18
CA LEU A 13 -9.02 7.74 5.99
C LEU A 13 -8.38 8.99 5.41
N LYS A 14 -9.10 10.10 5.39
CA LYS A 14 -8.52 11.35 4.88
C LYS A 14 -7.33 11.77 5.74
N ALA A 15 -7.46 11.68 7.06
CA ALA A 15 -6.34 12.03 7.94
C ALA A 15 -5.12 11.16 7.66
N SER A 16 -5.33 9.85 7.51
CA SER A 16 -4.23 8.96 7.16
C SER A 16 -3.67 9.29 5.79
N THR A 17 -4.53 9.49 4.80
CA THR A 17 -4.10 9.93 3.48
C THR A 17 -3.24 11.19 3.57
N ALA A 18 -3.54 12.08 4.52
CA ALA A 18 -2.77 13.31 4.66
C ALA A 18 -1.37 13.02 5.17
N GLU A 19 -1.23 12.16 6.18
CA GLU A 19 0.09 11.73 6.61
C GLU A 19 0.86 11.13 5.44
N LEU A 20 0.21 10.25 4.68
CA LEU A 20 0.86 9.60 3.55
C LEU A 20 1.47 10.63 2.61
N LYS A 21 0.75 11.71 2.34
CA LYS A 21 1.28 12.76 1.48
C LYS A 21 2.52 13.40 2.11
N ARG A 22 2.41 13.82 3.37
CA ARG A 22 3.57 14.41 4.04
C ARG A 22 4.74 13.45 4.09
N ALA A 23 4.46 12.15 4.14
CA ALA A 23 5.53 11.15 4.17
C ALA A 23 6.12 10.91 2.79
N THR A 24 5.27 10.82 1.76
CA THR A 24 5.76 10.58 0.41
C THR A 24 6.65 11.73 -0.05
N ALA A 25 6.24 12.97 0.20
CA ALA A 25 7.06 14.11 -0.17
C ALA A 25 8.40 14.08 0.56
N SER A 26 8.37 13.91 1.88
CA SER A 26 9.61 13.88 2.65
C SER A 26 10.51 12.73 2.23
N LEU A 27 9.92 11.58 1.90
CA LEU A 27 10.72 10.46 1.41
C LEU A 27 11.42 10.83 0.11
N ARG A 28 10.73 11.51 -0.80
CA ARG A 28 11.34 11.88 -2.08
C ARG A 28 12.43 12.91 -1.88
N ALA A 29 12.26 13.82 -0.92
CA ALA A 29 13.32 14.79 -0.62
C ALA A 29 14.58 14.07 -0.16
N SER A 30 14.45 13.12 0.77
CA SER A 30 15.60 12.38 1.25
C SER A 30 16.25 11.58 0.13
N THR A 31 15.43 10.92 -0.70
CA THR A 31 15.96 10.17 -1.83
C THR A 31 16.81 11.06 -2.73
N GLU A 32 16.41 12.32 -2.91
CA GLU A 32 17.23 13.27 -3.66
C GLU A 32 18.59 13.45 -2.99
N GLU A 33 18.59 13.71 -1.68
CA GLU A 33 19.85 13.90 -0.97
C GLU A 33 20.70 12.63 -1.03
N LEU A 34 20.06 11.46 -0.96
CA LEU A 34 20.79 10.21 -1.02
C LEU A 34 21.58 10.10 -2.32
N LYS A 35 20.89 10.21 -3.46
CA LYS A 35 21.57 10.12 -4.75
C LYS A 35 22.65 11.18 -4.87
N LYS A 36 22.41 12.38 -4.33
CA LYS A 36 23.39 13.45 -4.42
C LYS A 36 24.64 13.10 -3.62
N ASN A 37 24.47 12.62 -2.40
CA ASN A 37 25.59 12.28 -1.52
C ASN A 37 25.35 10.91 -0.93
N PRO A 38 25.50 9.85 -1.74
CA PRO A 38 25.34 8.49 -1.21
C PRO A 38 26.40 8.18 -0.16
N SER A 39 26.00 7.41 0.84
CA SER A 39 26.90 7.01 1.93
C SER A 39 26.14 5.99 2.77
N GLU A 40 26.90 5.30 3.64
CA GLU A 40 26.31 4.33 4.56
C GLU A 40 25.14 4.95 5.31
N ASP A 41 25.39 6.03 6.04
CA ASP A 41 24.35 6.65 6.85
C ASP A 41 23.20 7.13 5.98
N ALA A 42 23.51 7.80 4.87
CA ALA A 42 22.47 8.26 3.96
C ALA A 42 21.52 7.11 3.60
N LEU A 43 22.09 5.96 3.25
CA LEU A 43 21.27 4.79 2.92
C LEU A 43 20.44 4.35 4.11
N VAL A 44 21.07 4.21 5.28
CA VAL A 44 20.34 3.76 6.46
C VAL A 44 19.20 4.73 6.79
N GLU A 45 19.50 6.03 6.81
CA GLU A 45 18.45 7.02 7.04
C GLU A 45 17.35 6.91 6.00
N ASN A 46 17.71 6.66 4.74
CA ASN A 46 16.70 6.50 3.70
C ASN A 46 15.82 5.29 3.99
N ASN A 47 16.41 4.17 4.39
CA ASN A 47 15.63 2.99 4.71
C ASN A 47 14.65 3.28 5.84
N ARG A 48 15.09 3.98 6.88
CA ARG A 48 14.19 4.34 7.97
C ARG A 48 13.00 5.14 7.46
N LEU A 49 13.25 6.10 6.58
CA LEU A 49 12.15 6.90 6.04
C LEU A 49 11.21 6.04 5.20
N ILE A 50 11.75 5.07 4.47
CA ILE A 50 10.91 4.19 3.67
C ILE A 50 10.04 3.34 4.57
N VAL A 51 10.61 2.82 5.66
CA VAL A 51 9.85 1.98 6.58
C VAL A 51 8.74 2.78 7.24
N GLU A 52 9.06 3.99 7.71
CA GLU A 52 8.01 4.86 8.24
C GLU A 52 6.94 5.12 7.20
N HIS A 53 7.32 5.22 5.93
CA HIS A 53 6.35 5.46 4.86
C HIS A 53 5.48 4.23 4.63
N ASN A 54 6.10 3.04 4.59
CA ASN A 54 5.32 1.82 4.40
C ASN A 54 4.34 1.61 5.54
N ALA A 55 4.74 1.99 6.76
CA ALA A 55 3.87 1.80 7.92
C ALA A 55 2.63 2.68 7.82
N ILE A 56 2.78 3.87 7.24
CA ILE A 56 1.63 4.75 7.04
C ILE A 56 0.68 4.13 6.00
N ILE A 57 1.24 3.56 4.93
CA ILE A 57 0.39 2.88 3.96
C ILE A 57 -0.43 1.79 4.65
N VAL A 58 0.23 1.03 5.53
CA VAL A 58 -0.45 -0.07 6.22
C VAL A 58 -1.64 0.46 7.02
N GLU A 59 -1.46 1.59 7.69
CA GLU A 59 -2.56 2.20 8.42
C GLU A 59 -3.67 2.63 7.48
N ASN A 60 -3.30 3.26 6.36
CA ASN A 60 -4.26 3.62 5.31
C ASN A 60 -5.07 2.41 4.88
N ASN A 61 -4.39 1.29 4.59
CA ASN A 61 -5.09 0.08 4.17
C ASN A 61 -5.99 -0.44 5.29
N ARG A 62 -5.54 -0.33 6.53
CA ARG A 62 -6.36 -0.78 7.64
C ARG A 62 -7.69 -0.04 7.67
N ILE A 63 -7.65 1.29 7.48
CA ILE A 63 -8.88 2.07 7.50
C ILE A 63 -9.75 1.71 6.28
N ILE A 64 -9.12 1.54 5.12
CA ILE A 64 -9.87 1.11 3.94
C ILE A 64 -10.65 -0.16 4.25
N ALA A 65 -9.98 -1.13 4.86
CA ALA A 65 -10.63 -2.41 5.15
C ALA A 65 -11.81 -2.22 6.12
N ALA A 66 -11.66 -1.31 7.07
CA ALA A 66 -12.77 -1.03 7.99
C ALA A 66 -13.94 -0.41 7.25
N VAL A 67 -13.67 0.51 6.32
CA VAL A 67 -14.74 1.13 5.55
C VAL A 67 -15.46 0.08 4.71
N LEU A 68 -14.69 -0.80 4.06
CA LEU A 68 -15.31 -1.86 3.28
C LEU A 68 -16.26 -2.67 4.13
N GLU A 69 -15.85 -3.06 5.34
N GLU A 69 -15.84 -3.05 5.34
CA GLU A 69 -16.73 -3.84 6.19
CA GLU A 69 -16.69 -3.83 6.22
C GLU A 69 -17.99 -3.07 6.54
C GLU A 69 -17.97 -3.08 6.57
N LEU A 70 -17.86 -1.78 6.85
CA LEU A 70 -19.04 -0.98 7.16
C LEU A 70 -19.98 -0.88 5.96
N ILE A 71 -19.44 -0.72 4.74
CA ILE A 71 -20.30 -0.66 3.56
C ILE A 71 -21.02 -1.99 3.37
N VAL A 72 -20.31 -3.10 3.54
CA VAL A 72 -20.91 -4.41 3.33
C VAL A 72 -22.07 -4.61 4.30
N ARG A 73 -21.92 -4.14 5.53
N ARG A 73 -21.94 -4.12 5.53
CA ARG A 73 -23.02 -4.22 6.49
CA ARG A 73 -23.03 -4.24 6.50
C ARG A 73 -24.18 -3.32 6.08
C ARG A 73 -24.18 -3.31 6.13
N ALA A 74 -23.88 -2.11 5.63
CA ALA A 74 -24.93 -1.17 5.28
C ALA A 74 -25.80 -1.65 4.13
N ILE A 75 -25.24 -2.40 3.19
CA ILE A 75 -26.01 -2.78 1.99
C ILE A 75 -26.77 -4.09 2.16
N LYS A 76 -26.52 -4.84 3.23
CA LYS A 76 -27.23 -6.09 3.45
C LYS A 76 -28.73 -5.83 3.61
N GLY B 1 -23.11 -16.70 -4.68
CA GLY B 1 -23.97 -15.48 -4.60
C GLY B 1 -23.17 -14.28 -4.15
N SER B 2 -23.72 -13.09 -4.39
CA SER B 2 -22.99 -11.86 -4.06
C SER B 2 -22.59 -11.83 -2.59
N GLU B 3 -23.53 -12.13 -1.69
CA GLU B 3 -23.22 -12.09 -0.27
C GLU B 3 -22.10 -13.06 0.08
N TYR B 4 -22.15 -14.27 -0.49
CA TYR B 4 -21.11 -15.26 -0.20
C TYR B 4 -19.76 -14.82 -0.74
N GLU B 5 -19.72 -14.35 -1.98
N GLU B 5 -19.72 -14.36 -1.99
CA GLU B 5 -18.44 -13.96 -2.58
CA GLU B 5 -18.45 -13.94 -2.59
C GLU B 5 -17.83 -12.79 -1.83
C GLU B 5 -17.83 -12.80 -1.81
N ILE B 6 -18.65 -11.86 -1.34
CA ILE B 6 -18.13 -10.73 -0.60
C ILE B 6 -17.60 -11.19 0.75
N ARG B 7 -18.35 -12.05 1.44
CA ARG B 7 -17.89 -12.63 2.70
C ARG B 7 -16.56 -13.35 2.51
N LYS B 8 -16.44 -14.13 1.44
CA LYS B 8 -15.19 -14.85 1.17
C LYS B 8 -14.05 -13.89 0.90
N ALA B 9 -14.30 -12.84 0.10
CA ALA B 9 -13.25 -11.90 -0.25
C ALA B 9 -12.77 -11.12 0.97
N LEU B 10 -13.69 -10.77 1.87
CA LEU B 10 -13.29 -10.07 3.08
C LEU B 10 -12.46 -10.97 4.00
N GLU B 11 -12.82 -12.25 4.09
CA GLU B 11 -11.99 -13.19 4.84
C GLU B 11 -10.59 -13.27 4.24
N GLU B 12 -10.50 -13.29 2.91
CA GLU B 12 -9.21 -13.21 2.24
C GLU B 12 -8.45 -11.97 2.68
N LEU B 13 -9.12 -10.82 2.62
CA LEU B 13 -8.47 -9.56 3.00
C LEU B 13 -7.94 -9.63 4.42
N LYS B 14 -8.72 -10.17 5.35
CA LYS B 14 -8.26 -10.26 6.74
C LYS B 14 -7.00 -11.12 6.85
N ALA B 15 -6.95 -12.24 6.13
CA ALA B 15 -5.74 -13.06 6.14
C ALA B 15 -4.55 -12.26 5.61
N SER B 16 -4.75 -11.50 4.54
CA SER B 16 -3.68 -10.68 3.99
C SER B 16 -3.25 -9.60 4.98
N THR B 17 -4.22 -8.93 5.61
CA THR B 17 -3.92 -7.95 6.65
C THR B 17 -3.09 -8.58 7.77
N ALA B 18 -3.36 -9.85 8.09
CA ALA B 18 -2.57 -10.55 9.11
C ALA B 18 -1.14 -10.73 8.65
N GLU B 19 -0.94 -11.22 7.42
CA GLU B 19 0.39 -11.30 6.82
C GLU B 19 1.08 -9.95 6.88
N LEU B 20 0.36 -8.88 6.57
CA LEU B 20 0.94 -7.54 6.58
C LEU B 20 1.46 -7.18 7.97
N LYS B 21 0.69 -7.49 9.01
CA LYS B 21 1.17 -7.29 10.37
C LYS B 21 2.50 -7.98 10.58
N ARG B 22 2.54 -9.29 10.38
CA ARG B 22 3.75 -10.06 10.62
C ARG B 22 4.93 -9.50 9.83
N ALA B 23 4.69 -8.99 8.63
CA ALA B 23 5.77 -8.40 7.84
C ALA B 23 6.21 -7.07 8.43
N THR B 24 5.24 -6.23 8.83
CA THR B 24 5.58 -4.94 9.41
C THR B 24 6.44 -5.10 10.66
N ALA B 25 6.06 -6.03 11.54
CA ALA B 25 6.86 -6.27 12.74
C ALA B 25 8.25 -6.75 12.38
N SER B 26 8.34 -7.80 11.56
CA SER B 26 9.64 -8.34 11.18
C SER B 26 10.48 -7.28 10.47
N LEU B 27 9.86 -6.47 9.62
CA LEU B 27 10.60 -5.42 8.93
C LEU B 27 11.16 -4.41 9.93
N ARG B 28 10.31 -3.88 10.81
CA ARG B 28 10.78 -2.90 11.79
C ARG B 28 11.91 -3.45 12.64
N ALA B 29 11.88 -4.76 12.93
CA ALA B 29 12.96 -5.36 13.72
C ALA B 29 14.29 -5.25 12.99
N SER B 30 14.33 -5.68 11.73
CA SER B 30 15.56 -5.54 10.95
C SER B 30 16.02 -4.09 10.91
N THR B 31 15.08 -3.16 10.78
CA THR B 31 15.43 -1.74 10.77
C THR B 31 16.07 -1.31 12.07
N GLU B 32 15.65 -1.91 13.20
CA GLU B 32 16.34 -1.68 14.46
C GLU B 32 17.76 -2.24 14.41
N GLU B 33 17.88 -3.51 14.01
CA GLU B 33 19.21 -4.13 13.92
C GLU B 33 20.09 -3.35 12.95
N LEU B 34 19.51 -2.84 11.86
CA LEU B 34 20.30 -2.14 10.86
C LEU B 34 20.96 -0.90 11.43
N LYS B 35 20.17 -0.01 12.04
CA LYS B 35 20.74 1.21 12.60
C LYS B 35 21.74 0.91 13.70
N LYS B 36 21.55 -0.19 14.43
CA LYS B 36 22.46 -0.54 15.51
C LYS B 36 23.80 -1.03 14.97
N ASN B 37 23.78 -1.83 13.90
CA ASN B 37 24.99 -2.41 13.33
C ASN B 37 24.93 -2.27 11.82
N PRO B 38 24.99 -1.05 11.30
CA PRO B 38 24.90 -0.86 9.84
C PRO B 38 26.09 -1.48 9.12
N SER B 39 25.81 -2.02 7.94
N SER B 39 25.81 -2.02 7.94
CA SER B 39 26.83 -2.64 7.09
CA SER B 39 26.81 -2.66 7.08
C SER B 39 26.17 -2.88 5.73
C SER B 39 26.16 -2.86 5.73
N GLU B 40 26.99 -3.08 4.71
CA GLU B 40 26.45 -3.32 3.37
C GLU B 40 25.46 -4.48 3.38
N ASP B 41 25.85 -5.60 4.01
CA ASP B 41 24.96 -6.75 4.10
C ASP B 41 23.69 -6.40 4.86
N ALA B 42 23.83 -5.73 6.01
CA ALA B 42 22.66 -5.29 6.77
C ALA B 42 21.70 -4.52 5.88
N LEU B 43 22.23 -3.61 5.06
CA LEU B 43 21.38 -2.81 4.19
C LEU B 43 20.69 -3.69 3.14
N VAL B 44 21.44 -4.55 2.47
CA VAL B 44 20.84 -5.40 1.44
C VAL B 44 19.76 -6.28 2.06
N GLU B 45 20.00 -6.81 3.26
CA GLU B 45 18.99 -7.63 3.91
C GLU B 45 17.76 -6.81 4.27
N ASN B 46 17.96 -5.57 4.72
CA ASN B 46 16.81 -4.71 5.01
C ASN B 46 16.02 -4.42 3.74
N ASN B 47 16.71 -4.16 2.62
CA ASN B 47 16.02 -3.93 1.37
C ASN B 47 15.19 -5.13 0.95
N ARG B 48 15.73 -6.34 1.14
CA ARG B 48 14.98 -7.55 0.84
C ARG B 48 13.69 -7.60 1.64
N LEU B 49 13.78 -7.37 2.95
CA LEU B 49 12.59 -7.38 3.78
C LEU B 49 11.59 -6.32 3.33
N ILE B 50 12.07 -5.13 2.98
CA ILE B 50 11.16 -4.07 2.55
C ILE B 50 10.41 -4.49 1.30
N VAL B 51 11.13 -5.07 0.33
CA VAL B 51 10.49 -5.52 -0.90
C VAL B 51 9.45 -6.59 -0.61
N GLU B 52 9.80 -7.57 0.25
CA GLU B 52 8.82 -8.56 0.65
C GLU B 52 7.61 -7.93 1.31
N HIS B 53 7.81 -6.84 2.06
CA HIS B 53 6.71 -6.13 2.71
C HIS B 53 5.88 -5.39 1.68
N ASN B 54 6.53 -4.68 0.76
CA ASN B 54 5.79 -4.00 -0.31
C ASN B 54 4.92 -4.98 -1.09
N ALA B 55 5.44 -6.19 -1.33
CA ALA B 55 4.70 -7.17 -2.10
C ALA B 55 3.44 -7.63 -1.39
N ILE B 56 3.47 -7.68 -0.05
CA ILE B 56 2.27 -8.02 0.69
C ILE B 56 1.24 -6.90 0.59
N ILE B 57 1.70 -5.65 0.66
CA ILE B 57 0.78 -4.53 0.46
C ILE B 57 0.09 -4.66 -0.88
N VAL B 58 0.85 -5.02 -1.92
CA VAL B 58 0.27 -5.14 -3.26
C VAL B 58 -0.83 -6.21 -3.28
N GLU B 59 -0.58 -7.35 -2.62
N GLU B 59 -0.58 -7.35 -2.64
CA GLU B 59 -1.60 -8.38 -2.51
CA GLU B 59 -1.60 -8.38 -2.50
C GLU B 59 -2.82 -7.86 -1.76
C GLU B 59 -2.82 -7.84 -1.76
N ASN B 60 -2.59 -7.09 -0.69
CA ASN B 60 -3.69 -6.49 0.08
C ASN B 60 -4.52 -5.56 -0.80
N ASN B 61 -3.86 -4.71 -1.57
CA ASN B 61 -4.59 -3.81 -2.47
C ASN B 61 -5.33 -4.60 -3.54
N ARG B 62 -4.75 -5.70 -4.00
CA ARG B 62 -5.43 -6.52 -5.00
C ARG B 62 -6.76 -7.02 -4.48
N ILE B 63 -6.78 -7.51 -3.23
CA ILE B 63 -8.01 -8.03 -2.66
C ILE B 63 -9.00 -6.89 -2.44
N ILE B 64 -8.52 -5.74 -1.96
CA ILE B 64 -9.38 -4.58 -1.80
C ILE B 64 -10.08 -4.25 -3.11
N ALA B 65 -9.33 -4.25 -4.21
CA ALA B 65 -9.92 -3.93 -5.51
C ALA B 65 -10.97 -4.96 -5.90
N ALA B 66 -10.74 -6.23 -5.56
CA ALA B 66 -11.74 -7.25 -5.85
C ALA B 66 -13.01 -7.03 -5.05
N VAL B 67 -12.87 -6.65 -3.77
CA VAL B 67 -14.04 -6.39 -2.95
C VAL B 67 -14.81 -5.20 -3.50
N LEU B 68 -14.11 -4.15 -3.91
CA LEU B 68 -14.79 -3.00 -4.50
C LEU B 68 -15.64 -3.42 -5.71
N GLU B 69 -15.07 -4.26 -6.58
N GLU B 69 -15.06 -4.24 -6.59
CA GLU B 69 -15.83 -4.68 -7.75
CA GLU B 69 -15.82 -4.69 -7.76
C GLU B 69 -17.05 -5.51 -7.36
C GLU B 69 -17.06 -5.47 -7.33
N LEU B 70 -16.93 -6.33 -6.32
CA LEU B 70 -18.07 -7.12 -5.89
C LEU B 70 -19.15 -6.22 -5.29
N ILE B 71 -18.75 -5.20 -4.54
CA ILE B 71 -19.74 -4.29 -3.96
C ILE B 71 -20.47 -3.53 -5.05
N VAL B 72 -19.72 -3.05 -6.05
CA VAL B 72 -20.35 -2.28 -7.13
C VAL B 72 -21.36 -3.12 -7.87
N ARG B 73 -21.07 -4.42 -8.06
N ARG B 73 -21.06 -4.41 -8.08
CA ARG B 73 -22.04 -5.30 -8.71
CA ARG B 73 -22.04 -5.30 -8.69
C ARG B 73 -23.23 -5.56 -7.80
C ARG B 73 -23.25 -5.45 -7.79
N ALA B 74 -23.04 -5.53 -6.48
CA ALA B 74 -24.13 -5.90 -5.58
C ALA B 74 -25.13 -4.77 -5.48
N ILE B 75 -24.67 -3.53 -5.62
CA ILE B 75 -25.56 -2.38 -5.45
C ILE B 75 -26.21 -1.95 -6.75
N LYS B 76 -25.86 -2.56 -7.88
CA LYS B 76 -26.53 -2.28 -9.14
C LYS B 76 -28.03 -2.55 -9.01
N GLY C 1 -23.38 10.61 -13.94
CA GLY C 1 -24.17 9.79 -12.98
C GLY C 1 -23.29 8.89 -12.13
N SER C 2 -23.87 8.35 -11.06
CA SER C 2 -23.09 7.57 -10.11
C SER C 2 -22.49 6.33 -10.76
N GLU C 3 -23.29 5.60 -11.56
CA GLU C 3 -22.78 4.38 -12.17
C GLU C 3 -21.63 4.69 -13.14
N TYR C 4 -21.75 5.78 -13.90
CA TYR C 4 -20.68 6.15 -14.81
C TYR C 4 -19.41 6.53 -14.06
N GLU C 5 -19.54 7.37 -13.04
N GLU C 5 -19.54 7.38 -13.04
CA GLU C 5 -18.36 7.81 -12.30
CA GLU C 5 -18.37 7.81 -12.28
C GLU C 5 -17.68 6.64 -11.59
C GLU C 5 -17.68 6.63 -11.62
N ILE C 6 -18.46 5.67 -11.11
CA ILE C 6 -17.87 4.52 -10.44
C ILE C 6 -17.16 3.64 -11.46
N ARG C 7 -17.80 3.39 -12.60
CA ARG C 7 -17.13 2.63 -13.66
C ARG C 7 -15.82 3.29 -14.08
N LYS C 8 -15.84 4.61 -14.26
CA LYS C 8 -14.62 5.32 -14.66
C LYS C 8 -13.53 5.17 -13.61
N ALA C 9 -13.88 5.35 -12.34
CA ALA C 9 -12.89 5.26 -11.27
C ALA C 9 -12.35 3.85 -11.16
N LEU C 10 -13.17 2.84 -11.42
CA LEU C 10 -12.68 1.47 -11.36
C LEU C 10 -11.72 1.18 -12.51
N GLU C 11 -12.05 1.64 -13.72
CA GLU C 11 -11.10 1.54 -14.83
C GLU C 11 -9.79 2.21 -14.48
N GLU C 12 -9.85 3.37 -13.81
CA GLU C 12 -8.64 4.04 -13.36
C GLU C 12 -7.85 3.16 -12.40
N LEU C 13 -8.55 2.49 -11.48
CA LEU C 13 -7.89 1.59 -10.55
C LEU C 13 -7.19 0.47 -11.29
N LYS C 14 -7.84 -0.09 -12.32
CA LYS C 14 -7.19 -1.11 -13.12
C LYS C 14 -5.87 -0.61 -13.70
N ALA C 15 -5.87 0.59 -14.28
CA ALA C 15 -4.66 1.14 -14.87
C ALA C 15 -3.57 1.28 -13.81
N SER C 16 -3.91 1.83 -12.65
CA SER C 16 -2.93 1.98 -11.58
C SER C 16 -2.43 0.62 -11.12
N THR C 17 -3.34 -0.33 -10.91
CA THR C 17 -2.94 -1.70 -10.59
C THR C 17 -1.97 -2.25 -11.62
N ALA C 18 -2.13 -1.86 -12.89
CA ALA C 18 -1.24 -2.36 -13.94
C ALA C 18 0.17 -1.81 -13.77
N GLU C 19 0.30 -0.51 -13.54
CA GLU C 19 1.62 0.04 -13.29
C GLU C 19 2.26 -0.61 -12.06
N LEU C 20 1.45 -0.97 -11.07
CA LEU C 20 1.97 -1.56 -9.84
C LEU C 20 2.63 -2.91 -10.12
N LYS C 21 2.07 -3.70 -11.04
CA LYS C 21 2.71 -4.95 -11.42
C LYS C 21 4.04 -4.70 -12.12
N ARG C 22 4.01 -3.87 -13.17
CA ARG C 22 5.25 -3.55 -13.88
C ARG C 22 6.31 -3.02 -12.93
N ALA C 23 5.88 -2.28 -11.90
CA ALA C 23 6.83 -1.78 -10.92
C ALA C 23 7.31 -2.87 -9.99
N THR C 24 6.38 -3.73 -9.52
CA THR C 24 6.78 -4.84 -8.66
C THR C 24 7.78 -5.75 -9.36
N ALA C 25 7.50 -6.10 -10.63
CA ALA C 25 8.44 -6.90 -11.40
C ALA C 25 9.78 -6.19 -11.53
N SER C 26 9.76 -4.95 -12.03
CA SER C 26 10.98 -4.16 -12.14
C SER C 26 11.75 -4.13 -10.82
N LEU C 27 11.02 -4.06 -9.70
CA LEU C 27 11.68 -3.99 -8.40
C LEU C 27 12.26 -5.34 -7.98
N ARG C 28 11.50 -6.42 -8.14
CA ARG C 28 12.01 -7.74 -7.79
C ARG C 28 13.27 -8.08 -8.57
N ALA C 29 13.43 -7.52 -9.77
CA ALA C 29 14.61 -7.81 -10.58
C ALA C 29 15.84 -7.11 -10.02
N SER C 30 15.72 -5.81 -9.74
CA SER C 30 16.83 -5.08 -9.13
C SER C 30 17.27 -5.74 -7.83
N THR C 31 16.30 -6.12 -6.98
CA THR C 31 16.64 -6.78 -5.73
C THR C 31 17.42 -8.07 -5.98
N GLU C 32 17.09 -8.79 -7.05
CA GLU C 32 17.88 -9.96 -7.43
C GLU C 32 19.30 -9.56 -7.77
N GLU C 33 19.46 -8.56 -8.64
CA GLU C 33 20.80 -8.10 -9.01
C GLU C 33 21.53 -7.50 -7.83
N LEU C 34 20.81 -6.83 -6.93
CA LEU C 34 21.44 -6.23 -5.76
C LEU C 34 22.14 -7.28 -4.92
N LYS C 35 21.40 -8.29 -4.45
CA LYS C 35 22.01 -9.32 -3.61
C LYS C 35 23.12 -10.04 -4.35
N LYS C 36 22.98 -10.23 -5.67
CA LYS C 36 23.99 -10.94 -6.43
C LYS C 36 25.29 -10.14 -6.51
N ASN C 37 25.20 -8.83 -6.70
CA ASN C 37 26.37 -7.96 -6.84
C ASN C 37 26.17 -6.71 -5.98
N PRO C 38 26.20 -6.87 -4.66
CA PRO C 38 25.94 -5.71 -3.79
C PRO C 38 27.02 -4.64 -3.92
N SER C 39 26.59 -3.39 -3.78
N SER C 39 26.58 -3.39 -3.79
CA SER C 39 27.47 -2.24 -3.83
CA SER C 39 27.47 -2.23 -3.86
C SER C 39 26.67 -1.02 -3.42
C SER C 39 26.67 -1.03 -3.39
N GLU C 40 27.38 0.05 -3.04
CA GLU C 40 26.70 1.27 -2.62
C GLU C 40 25.76 1.78 -3.71
N ASP C 41 26.24 1.84 -4.96
CA ASP C 41 25.38 2.28 -6.06
C ASP C 41 24.19 1.34 -6.24
N ALA C 42 24.44 0.03 -6.22
CA ALA C 42 23.34 -0.93 -6.34
C ALA C 42 22.30 -0.70 -5.26
N LEU C 43 22.73 -0.37 -4.04
CA LEU C 43 21.79 -0.11 -2.97
C LEU C 43 20.98 1.15 -3.24
N VAL C 44 21.66 2.23 -3.63
CA VAL C 44 20.96 3.48 -3.92
C VAL C 44 19.96 3.28 -5.06
N GLU C 45 20.40 2.61 -6.13
CA GLU C 45 19.51 2.35 -7.26
C GLU C 45 18.30 1.52 -6.82
N ASN C 46 18.52 0.54 -5.94
CA ASN C 46 17.42 -0.26 -5.43
C ASN C 46 16.47 0.60 -4.60
N ASN C 47 17.01 1.46 -3.74
CA ASN C 47 16.16 2.34 -2.95
C ASN C 47 15.31 3.23 -3.85
N ARG C 48 15.90 3.75 -4.94
CA ARG C 48 15.14 4.61 -5.84
C ARG C 48 13.98 3.85 -6.46
N LEU C 49 14.19 2.60 -6.85
CA LEU C 49 13.11 1.80 -7.41
C LEU C 49 12.05 1.52 -6.36
N ILE C 50 12.46 1.32 -5.11
CA ILE C 50 11.49 1.08 -4.05
C ILE C 50 10.60 2.30 -3.84
N VAL C 51 11.19 3.49 -3.86
CA VAL C 51 10.41 4.71 -3.69
C VAL C 51 9.44 4.89 -4.84
N GLU C 52 9.90 4.65 -6.07
CA GLU C 52 8.99 4.70 -7.21
C GLU C 52 7.84 3.70 -7.04
N HIS C 53 8.11 2.56 -6.41
CA HIS C 53 7.08 1.56 -6.18
C HIS C 53 6.11 2.01 -5.09
N ASN C 54 6.64 2.55 -3.99
CA ASN C 54 5.77 3.04 -2.92
C ASN C 54 4.83 4.12 -3.44
N ALA C 55 5.33 5.02 -4.29
CA ALA C 55 4.50 6.10 -4.81
C ALA C 55 3.38 5.59 -5.68
N ILE C 56 3.60 4.49 -6.40
CA ILE C 56 2.55 3.88 -7.20
C ILE C 56 1.48 3.28 -6.29
N ILE C 57 1.90 2.64 -5.20
CA ILE C 57 0.91 2.16 -4.23
C ILE C 57 0.08 3.32 -3.72
N VAL C 58 0.73 4.44 -3.42
CA VAL C 58 0.00 5.60 -2.88
C VAL C 58 -1.07 6.06 -3.88
N GLU C 59 -0.73 6.11 -5.16
CA GLU C 59 -1.72 6.46 -6.17
C GLU C 59 -2.86 5.45 -6.20
N ASN C 60 -2.51 4.15 -6.10
CA ASN C 60 -3.51 3.10 -6.03
C ASN C 60 -4.47 3.32 -4.85
N ASN C 61 -3.92 3.63 -3.68
CA ASN C 61 -4.76 3.89 -2.51
C ASN C 61 -5.62 5.13 -2.71
N ARG C 62 -5.07 6.14 -3.37
CA ARG C 62 -5.84 7.35 -3.64
C ARG C 62 -7.09 7.03 -4.44
N ILE C 63 -6.95 6.21 -5.49
CA ILE C 63 -8.09 5.84 -6.31
C ILE C 63 -9.08 4.99 -5.52
N ILE C 64 -8.56 4.05 -4.73
CA ILE C 64 -9.43 3.25 -3.87
C ILE C 64 -10.29 4.16 -3.00
N ALA C 65 -9.66 5.16 -2.38
CA ALA C 65 -10.40 6.07 -1.51
C ALA C 65 -11.45 6.85 -2.27
N ALA C 66 -11.17 7.21 -3.52
CA ALA C 66 -12.17 7.90 -4.35
C ALA C 66 -13.35 6.99 -4.65
N VAL C 67 -13.08 5.71 -4.94
CA VAL C 67 -14.15 4.76 -5.21
C VAL C 67 -15.02 4.58 -3.97
N LEU C 68 -14.39 4.45 -2.81
CA LEU C 68 -15.15 4.31 -1.58
C LEU C 68 -16.11 5.48 -1.41
N GLU C 69 -15.64 6.70 -1.61
CA GLU C 69 -16.52 7.86 -1.46
C GLU C 69 -17.68 7.81 -2.45
N LEU C 70 -17.42 7.40 -3.69
CA LEU C 70 -18.50 7.31 -4.66
C LEU C 70 -19.52 6.26 -4.27
N ILE C 71 -19.06 5.11 -3.76
CA ILE C 71 -19.99 4.07 -3.33
C ILE C 71 -20.84 4.56 -2.18
N VAL C 72 -20.23 5.26 -1.22
CA VAL C 72 -20.97 5.75 -0.06
C VAL C 72 -22.06 6.72 -0.50
N ARG C 73 -21.76 7.55 -1.51
CA ARG C 73 -22.78 8.45 -2.03
C ARG C 73 -23.87 7.68 -2.75
N ALA C 74 -23.51 6.59 -3.44
CA ALA C 74 -24.48 5.87 -4.24
C ALA C 74 -25.48 5.12 -3.38
N ILE C 75 -25.07 4.65 -2.20
CA ILE C 75 -25.96 3.87 -1.35
C ILE C 75 -26.79 4.73 -0.39
N LYS C 76 -26.51 6.03 -0.33
CA LYS C 76 -27.31 6.93 0.51
C LYS C 76 -28.78 6.85 0.14
#